data_7RWH
#
_entry.id   7RWH
#
_cell.length_a   68.560
_cell.length_b   94.110
_cell.length_c   116.690
_cell.angle_alpha   90.000
_cell.angle_beta   90.000
_cell.angle_gamma   90.000
#
_symmetry.space_group_name_H-M   'I 2 2 2'
#
loop_
_entity.id
_entity.type
_entity.pdbx_description
1 polymer 'S-adenosylmethionine synthase isoform type-2'
2 non-polymer S-ADENOSYLMETHIONINE
3 non-polymer 8-(4-bromophenyl)-6-(4-methoxyphenyl)-2-[2,2,2-tris(fluoranyl)ethylamino]pyrido[4,3-d]pyrimidin-7-ol
4 non-polymer 1,2-ETHANEDIOL
5 non-polymer GLYCEROL
6 non-polymer 'PENTAETHYLENE GLYCOL'
7 non-polymer 'CHLORIDE ION'
8 non-polymer 'MAGNESIUM ION'
9 water water
#
_entity_poly.entity_id   1
_entity_poly.type   'polypeptide(L)'
_entity_poly.pdbx_seq_one_letter_code
;SMNGQLNGFHEAFIEEGTFLFTSESVGEGHPDKICDQISDAVLDAHLQQDPDAKVACETVAKTGMILLAGEITSRAAVDY
QKVVREAVKHIGYDDSSKGFDYKTCNVLVALEQQSPDIAQGVHLDRNEEDIGAGDQGLMFGYATDETEECMPLTIVLAHK
LNAKLAELRRNGTLPWLRPDSKTQVTVQYMQDRGAVLPIRVHTIVISVQHDEEVCLDEMRDALKEKVIKAVVPAKYLDED
TIYHLQPSGRFVIGGPQGDAGLTGRKIIVDTYGGWGAHGGGAFSGKDYTKVDRSAAYAARWVAKSLVKGGLCRRVLVQVS
YAIGVSHPLSISIFHYGTSQKSERELLEIVKKNFDLRPGVIVRDLDLKKPIYQRTAAYGHFGRDSFPWEVPKKLKY
;
_entity_poly.pdbx_strand_id   A
#
# COMPACT_ATOMS: atom_id res chain seq x y z
N ALA A 12 -29.63 -7.94 -4.64
CA ALA A 12 -30.13 -6.77 -3.94
C ALA A 12 -30.41 -5.61 -4.92
N PHE A 13 -31.52 -4.90 -4.68
CA PHE A 13 -31.97 -3.79 -5.53
C PHE A 13 -31.08 -2.57 -5.32
N ILE A 14 -30.76 -1.86 -6.41
CA ILE A 14 -29.92 -0.67 -6.35
C ILE A 14 -30.80 0.55 -6.62
N GLU A 15 -31.05 1.33 -5.56
N GLU A 15 -31.08 1.32 -5.58
CA GLU A 15 -31.80 2.57 -5.71
CA GLU A 15 -31.88 2.52 -5.79
C GLU A 15 -31.06 3.56 -6.61
C GLU A 15 -31.09 3.55 -6.57
N GLU A 16 -31.80 4.33 -7.39
CA GLU A 16 -31.18 5.39 -8.16
C GLU A 16 -30.43 6.32 -7.22
N GLY A 17 -29.28 6.79 -7.64
CA GLY A 17 -28.43 7.59 -6.80
C GLY A 17 -27.52 6.83 -5.88
N THR A 18 -27.57 5.49 -5.92
CA THR A 18 -26.66 4.65 -5.17
C THR A 18 -25.93 3.72 -6.12
N PHE A 19 -24.80 3.19 -5.68
CA PHE A 19 -23.99 2.33 -6.53
C PHE A 19 -23.09 1.45 -5.68
N LEU A 20 -22.57 0.40 -6.30
CA LEU A 20 -21.65 -0.53 -5.67
C LEU A 20 -20.22 -0.23 -6.08
N PHE A 21 -19.29 -0.47 -5.17
CA PHE A 21 -17.86 -0.41 -5.51
C PHE A 21 -17.15 -1.48 -4.69
N THR A 22 -16.13 -2.10 -5.29
CA THR A 22 -15.38 -3.20 -4.69
C THR A 22 -13.90 -2.85 -4.59
N SER A 23 -13.29 -3.23 -3.46
CA SER A 23 -11.83 -3.22 -3.33
C SER A 23 -11.37 -4.50 -2.66
N GLU A 24 -10.08 -4.82 -2.82
CA GLU A 24 -9.47 -5.98 -2.16
C GLU A 24 -8.23 -5.59 -1.36
N SER A 25 -7.84 -6.49 -0.47
CA SER A 25 -6.57 -6.38 0.21
C SER A 25 -5.99 -7.78 0.37
N VAL A 26 -4.71 -7.85 0.76
CA VAL A 26 -4.05 -9.12 1.02
C VAL A 26 -3.27 -9.04 2.32
N GLY A 27 -2.99 -10.23 2.85
CA GLY A 27 -2.27 -10.32 4.11
C GLY A 27 -0.75 -10.23 3.96
N GLU A 28 -0.11 -10.20 5.13
CA GLU A 28 1.35 -10.07 5.18
C GLU A 28 2.07 -11.23 4.51
N GLY A 29 1.48 -12.41 4.50
CA GLY A 29 2.08 -13.58 3.88
C GLY A 29 1.62 -13.87 2.48
N HIS A 30 0.81 -12.99 1.88
CA HIS A 30 0.53 -13.12 0.47
C HIS A 30 1.86 -12.99 -0.27
N PRO A 31 2.16 -13.82 -1.26
CA PRO A 31 3.52 -13.81 -1.83
C PRO A 31 3.96 -12.49 -2.43
N ASP A 32 3.07 -11.76 -3.09
CA ASP A 32 3.45 -10.44 -3.60
C ASP A 32 3.80 -9.50 -2.45
N LYS A 33 2.99 -9.52 -1.39
CA LYS A 33 3.25 -8.67 -0.24
C LYS A 33 4.52 -9.07 0.48
N ILE A 34 4.84 -10.38 0.54
CA ILE A 34 6.14 -10.78 1.08
C ILE A 34 7.24 -10.02 0.38
N CYS A 35 7.17 -10.00 -0.95
CA CYS A 35 8.19 -9.33 -1.77
C CYS A 35 8.25 -7.84 -1.48
N ASP A 36 7.10 -7.16 -1.40
CA ASP A 36 7.11 -5.75 -1.05
C ASP A 36 7.79 -5.51 0.29
N GLN A 37 7.46 -6.33 1.29
CA GLN A 37 8.04 -6.15 2.62
C GLN A 37 9.55 -6.39 2.62
N ILE A 38 10.02 -7.42 1.90
CA ILE A 38 11.46 -7.69 1.82
C ILE A 38 12.16 -6.55 1.10
N SER A 39 11.61 -6.08 -0.01
CA SER A 39 12.22 -4.96 -0.73
C SER A 39 12.37 -3.75 0.16
N ASP A 40 11.36 -3.46 0.99
CA ASP A 40 11.44 -2.31 1.89
C ASP A 40 12.30 -2.59 3.12
N ALA A 41 12.41 -3.85 3.56
CA ALA A 41 13.38 -4.18 4.60
C ALA A 41 14.81 -3.92 4.11
N VAL A 42 15.07 -4.21 2.84
CA VAL A 42 16.39 -3.98 2.25
C VAL A 42 16.64 -2.48 2.14
N LEU A 43 15.65 -1.72 1.67
CA LEU A 43 15.75 -0.27 1.64
C LEU A 43 16.06 0.30 3.02
N ASP A 44 15.30 -0.13 4.03
CA ASP A 44 15.51 0.39 5.39
C ASP A 44 16.91 0.05 5.89
N ALA A 45 17.38 -1.17 5.62
CA ALA A 45 18.70 -1.56 6.08
C ALA A 45 19.78 -0.65 5.49
N HIS A 46 19.64 -0.32 4.22
CA HIS A 46 20.58 0.63 3.61
C HIS A 46 20.47 2.01 4.23
N LEU A 47 19.24 2.52 4.38
CA LEU A 47 19.05 3.89 4.89
C LEU A 47 19.54 4.04 6.33
N GLN A 48 19.50 2.96 7.12
N GLN A 48 19.47 2.97 7.13
CA GLN A 48 19.98 3.02 8.50
CA GLN A 48 20.00 3.06 8.50
C GLN A 48 21.48 3.36 8.57
C GLN A 48 21.44 3.53 8.48
N GLN A 49 22.23 3.05 7.52
CA GLN A 49 23.65 3.33 7.46
C GLN A 49 24.00 4.45 6.50
N ASP A 50 23.25 4.61 5.42
CA ASP A 50 23.53 5.61 4.38
C ASP A 50 22.21 6.26 4.01
N PRO A 51 21.87 7.41 4.60
CA PRO A 51 20.59 8.07 4.29
C PRO A 51 20.43 8.45 2.83
N ASP A 52 21.53 8.52 2.06
CA ASP A 52 21.49 8.86 0.64
C ASP A 52 21.64 7.65 -0.25
N ALA A 53 21.43 6.44 0.26
CA ALA A 53 21.49 5.25 -0.57
C ALA A 53 20.52 5.36 -1.75
N LYS A 54 20.98 4.91 -2.91
CA LYS A 54 20.17 4.80 -4.13
C LYS A 54 19.76 3.35 -4.24
N VAL A 55 18.46 3.07 -4.10
CA VAL A 55 17.97 1.72 -3.94
C VAL A 55 16.81 1.49 -4.92
N ALA A 56 16.89 0.38 -5.65
CA ALA A 56 15.85 -0.08 -6.57
C ALA A 56 15.84 -1.60 -6.48
N CYS A 57 15.29 -2.11 -5.39
CA CYS A 57 15.37 -3.53 -5.08
C CYS A 57 14.07 -4.27 -5.35
N GLU A 58 14.04 -5.13 -6.34
CA GLU A 58 12.91 -5.99 -6.60
C GLU A 58 13.14 -7.31 -5.89
N THR A 59 12.07 -7.95 -5.45
CA THR A 59 12.11 -9.28 -4.85
C THR A 59 11.17 -10.18 -5.62
N VAL A 60 11.59 -11.43 -5.79
CA VAL A 60 10.81 -12.49 -6.39
C VAL A 60 10.77 -13.64 -5.41
N ALA A 61 9.60 -14.23 -5.23
CA ALA A 61 9.42 -15.36 -4.31
C ALA A 61 8.75 -16.52 -5.02
N LYS A 62 9.30 -17.71 -4.86
CA LYS A 62 8.64 -18.96 -5.32
C LYS A 62 9.03 -20.00 -4.28
N THR A 63 8.52 -21.22 -4.42
CA THR A 63 8.83 -22.29 -3.47
C THR A 63 10.30 -22.26 -3.09
N GLY A 64 10.60 -22.07 -1.81
CA GLY A 64 11.95 -22.18 -1.31
C GLY A 64 12.88 -21.06 -1.67
N MET A 65 12.42 -20.01 -2.35
CA MET A 65 13.34 -19.04 -2.93
C MET A 65 12.89 -17.62 -2.70
N ILE A 66 13.81 -16.78 -2.23
CA ILE A 66 13.74 -15.33 -2.35
C ILE A 66 14.90 -14.90 -3.22
N LEU A 67 14.62 -14.19 -4.30
CA LEU A 67 15.64 -13.60 -5.15
C LEU A 67 15.53 -12.09 -5.08
N LEU A 68 16.64 -11.40 -4.82
CA LEU A 68 16.72 -9.95 -4.92
C LEU A 68 17.35 -9.59 -6.25
N ALA A 69 16.73 -8.72 -7.01
CA ALA A 69 17.24 -8.28 -8.30
C ALA A 69 17.07 -6.78 -8.42
N GLY A 70 18.06 -6.09 -8.93
CA GLY A 70 17.94 -4.65 -9.06
C GLY A 70 19.26 -3.94 -8.85
N GLU A 71 19.15 -2.69 -8.43
CA GLU A 71 20.26 -1.76 -8.46
C GLU A 71 20.35 -0.99 -7.17
N ILE A 72 21.50 -1.05 -6.53
CA ILE A 72 21.76 -0.34 -5.28
C ILE A 72 23.15 0.24 -5.32
N THR A 73 23.26 1.54 -5.08
CA THR A 73 24.53 2.21 -4.82
C THR A 73 24.45 2.85 -3.44
N SER A 74 25.32 2.41 -2.54
CA SER A 74 25.18 2.74 -1.14
C SER A 74 26.51 2.54 -0.44
N ARG A 75 26.76 3.34 0.59
CA ARG A 75 27.91 3.15 1.46
C ARG A 75 27.64 2.13 2.55
N ALA A 76 26.42 1.63 2.68
CA ALA A 76 26.11 0.67 3.71
C ALA A 76 26.74 -0.70 3.43
N ALA A 77 26.94 -1.46 4.49
CA ALA A 77 27.33 -2.86 4.43
C ALA A 77 26.14 -3.66 4.97
N VAL A 78 25.37 -4.26 4.08
CA VAL A 78 24.12 -4.91 4.42
C VAL A 78 24.25 -6.42 4.28
N ASP A 79 23.81 -7.13 5.30
CA ASP A 79 23.79 -8.60 5.30
C ASP A 79 22.44 -9.03 4.75
N TYR A 80 22.37 -9.28 3.44
CA TYR A 80 21.10 -9.57 2.78
C TYR A 80 20.49 -10.86 3.32
N GLN A 81 21.32 -11.87 3.63
CA GLN A 81 20.78 -13.10 4.20
C GLN A 81 19.98 -12.81 5.46
N LYS A 82 20.56 -12.04 6.37
CA LYS A 82 19.91 -11.73 7.63
C LYS A 82 18.67 -10.87 7.40
N VAL A 83 18.77 -9.82 6.56
CA VAL A 83 17.64 -8.91 6.38
C VAL A 83 16.46 -9.66 5.80
N VAL A 84 16.71 -10.46 4.76
CA VAL A 84 15.62 -11.19 4.12
C VAL A 84 15.00 -12.19 5.10
N ARG A 85 15.83 -12.96 5.79
CA ARG A 85 15.30 -14.02 6.64
C ARG A 85 14.55 -13.44 7.81
N GLU A 86 15.01 -12.34 8.39
CA GLU A 86 14.28 -11.72 9.49
C GLU A 86 12.92 -11.19 9.04
N ALA A 87 12.84 -10.68 7.82
CA ALA A 87 11.54 -10.22 7.32
C ALA A 87 10.56 -11.38 7.17
N VAL A 88 11.02 -12.51 6.64
CA VAL A 88 10.19 -13.69 6.48
C VAL A 88 9.77 -14.26 7.84
N LYS A 89 10.69 -14.25 8.80
CA LYS A 89 10.37 -14.66 10.16
C LYS A 89 9.23 -13.81 10.73
N HIS A 90 9.33 -12.50 10.58
CA HIS A 90 8.31 -11.60 11.11
C HIS A 90 6.94 -11.89 10.54
N ILE A 91 6.88 -12.23 9.25
CA ILE A 91 5.64 -12.55 8.57
C ILE A 91 5.02 -13.82 9.14
N GLY A 92 5.85 -14.79 9.52
CA GLY A 92 5.40 -15.99 10.18
C GLY A 92 5.70 -17.27 9.45
N TYR A 93 6.48 -17.24 8.38
CA TYR A 93 6.85 -18.46 7.63
C TYR A 93 8.10 -19.06 8.24
N ASP A 94 7.90 -19.98 9.18
CA ASP A 94 8.98 -20.49 10.03
C ASP A 94 9.01 -22.01 10.10
N ASP A 95 8.43 -22.71 9.14
CA ASP A 95 8.45 -24.18 9.18
C ASP A 95 8.01 -24.74 7.85
N SER A 96 8.62 -25.86 7.49
CA SER A 96 8.25 -26.49 6.22
C SER A 96 6.79 -26.89 6.20
N SER A 97 6.18 -27.12 7.36
CA SER A 97 4.78 -27.48 7.39
C SER A 97 3.86 -26.36 6.89
N LYS A 98 4.32 -25.11 6.93
CA LYS A 98 3.57 -23.95 6.47
C LYS A 98 3.84 -23.61 5.03
N GLY A 99 4.80 -24.32 4.41
CA GLY A 99 5.12 -24.14 3.02
C GLY A 99 6.35 -23.31 2.76
N PHE A 100 6.92 -22.69 3.78
CA PHE A 100 8.05 -21.77 3.62
C PHE A 100 8.68 -21.57 4.99
N ASP A 101 10.00 -21.48 5.03
CA ASP A 101 10.73 -21.37 6.30
C ASP A 101 11.89 -20.41 6.13
N TYR A 102 11.90 -19.31 6.89
CA TYR A 102 13.01 -18.37 6.84
C TYR A 102 14.35 -19.02 7.18
N LYS A 103 14.35 -20.08 7.98
CA LYS A 103 15.63 -20.63 8.41
C LYS A 103 16.32 -21.40 7.30
N THR A 104 15.55 -21.92 6.35
CA THR A 104 16.05 -22.93 5.43
C THR A 104 15.81 -22.59 3.96
N CYS A 105 15.14 -21.48 3.64
CA CYS A 105 14.95 -21.12 2.24
C CYS A 105 16.26 -20.66 1.59
N ASN A 106 16.25 -20.62 0.27
CA ASN A 106 17.32 -20.09 -0.54
C ASN A 106 17.14 -18.58 -0.67
N VAL A 107 18.19 -17.83 -0.43
CA VAL A 107 18.23 -16.38 -0.69
C VAL A 107 19.33 -16.16 -1.72
N LEU A 108 18.93 -15.70 -2.91
N LEU A 108 18.93 -15.63 -2.87
CA LEU A 108 19.81 -15.42 -4.04
CA LEU A 108 19.78 -15.41 -4.03
C LEU A 108 19.82 -13.93 -4.29
C LEU A 108 19.81 -13.92 -4.30
N VAL A 109 20.98 -13.39 -4.66
CA VAL A 109 21.14 -11.96 -4.84
C VAL A 109 21.72 -11.66 -6.22
N ALA A 110 21.03 -10.83 -7.01
CA ALA A 110 21.46 -10.35 -8.32
C ALA A 110 21.35 -8.82 -8.31
N LEU A 111 22.19 -8.18 -7.52
CA LEU A 111 22.15 -6.75 -7.30
C LEU A 111 23.41 -6.14 -7.87
N GLU A 112 23.25 -5.07 -8.62
N GLU A 112 23.26 -5.06 -8.60
CA GLU A 112 24.34 -4.32 -9.23
CA GLU A 112 24.37 -4.33 -9.18
C GLU A 112 24.26 -2.88 -8.75
C GLU A 112 24.25 -2.87 -8.79
N GLN A 113 25.29 -2.12 -9.08
CA GLN A 113 25.23 -0.67 -8.85
C GLN A 113 24.15 -0.02 -9.71
N GLN A 114 23.64 1.12 -9.26
CA GLN A 114 22.82 1.96 -10.15
C GLN A 114 23.58 2.29 -11.42
N SER A 115 22.86 2.23 -12.55
CA SER A 115 23.45 2.63 -13.82
C SER A 115 24.14 3.99 -13.70
N PRO A 116 25.39 4.12 -14.12
N PRO A 116 25.39 4.13 -14.13
CA PRO A 116 26.04 5.45 -14.10
CA PRO A 116 26.02 5.46 -14.08
C PRO A 116 25.36 6.45 -15.01
C PRO A 116 25.37 6.45 -15.02
N ASP A 117 24.67 5.98 -16.05
CA ASP A 117 23.98 6.90 -16.94
C ASP A 117 22.77 7.52 -16.24
N ILE A 118 22.03 6.72 -15.46
CA ILE A 118 20.97 7.26 -14.62
C ILE A 118 21.55 8.22 -13.59
N ALA A 119 22.59 7.80 -12.89
CA ALA A 119 23.14 8.61 -11.82
C ALA A 119 23.53 9.98 -12.34
N GLN A 120 24.22 10.03 -13.48
CA GLN A 120 24.69 11.32 -13.99
C GLN A 120 23.51 12.19 -14.42
N GLY A 121 22.44 11.60 -14.87
CA GLY A 121 21.31 12.39 -15.32
C GLY A 121 20.34 12.81 -14.26
N VAL A 122 20.41 12.20 -13.09
CA VAL A 122 19.45 12.42 -12.01
C VAL A 122 20.06 13.22 -10.87
N HIS A 123 21.19 12.78 -10.31
CA HIS A 123 21.64 13.32 -9.04
C HIS A 123 23.12 13.69 -8.93
N LEU A 124 23.97 13.21 -9.83
N LEU A 124 23.98 13.19 -9.80
CA LEU A 124 25.39 13.52 -9.73
CA LEU A 124 25.40 13.48 -9.60
C LEU A 124 25.62 15.02 -9.83
C LEU A 124 25.69 14.96 -9.83
N ASP A 125 26.40 15.56 -8.90
CA ASP A 125 26.77 16.97 -8.94
C ASP A 125 25.57 17.90 -8.98
N ARG A 126 24.47 17.51 -8.37
CA ARG A 126 23.29 18.37 -8.27
C ARG A 126 23.01 18.72 -6.83
N ASN A 127 22.63 19.97 -6.60
CA ASN A 127 22.13 20.41 -5.31
C ASN A 127 20.94 19.55 -4.94
N GLU A 128 20.83 19.16 -3.66
CA GLU A 128 19.80 18.20 -3.29
C GLU A 128 18.41 18.68 -3.68
N GLU A 129 18.07 19.94 -3.40
CA GLU A 129 16.74 20.42 -3.73
C GLU A 129 16.46 20.36 -5.23
N ASP A 130 17.50 20.36 -6.05
CA ASP A 130 17.43 20.43 -7.50
C ASP A 130 17.75 19.11 -8.17
N ILE A 131 17.77 18.02 -7.42
CA ILE A 131 17.91 16.70 -8.02
C ILE A 131 16.77 16.45 -9.01
N GLY A 132 17.07 15.76 -10.11
CA GLY A 132 16.02 15.45 -11.04
C GLY A 132 15.17 14.30 -10.58
N ALA A 133 13.96 14.21 -11.11
CA ALA A 133 13.17 13.02 -10.92
C ALA A 133 13.99 11.81 -11.35
N GLY A 134 13.87 10.72 -10.60
CA GLY A 134 14.62 9.50 -10.91
C GLY A 134 14.12 8.72 -12.11
N ASP A 135 12.96 9.09 -12.63
CA ASP A 135 12.35 8.49 -13.81
C ASP A 135 11.28 9.45 -14.28
N GLN A 136 10.79 9.27 -15.51
CA GLN A 136 9.52 9.85 -15.88
C GLN A 136 8.40 9.11 -15.16
N GLY A 137 7.21 9.63 -15.26
CA GLY A 137 6.03 8.90 -14.82
C GLY A 137 4.92 9.85 -14.39
N LEU A 138 3.76 9.25 -14.13
CA LEU A 138 2.58 9.94 -13.64
C LEU A 138 2.16 9.32 -12.33
N MET A 139 1.59 10.14 -11.46
CA MET A 139 1.20 9.71 -10.13
C MET A 139 -0.07 10.45 -9.74
N PHE A 140 -0.90 9.80 -8.92
CA PHE A 140 -2.11 10.43 -8.45
C PHE A 140 -2.19 10.37 -6.94
N GLY A 141 -2.81 11.38 -6.35
CA GLY A 141 -3.20 11.37 -4.95
C GLY A 141 -4.70 11.48 -4.84
N TYR A 142 -5.29 10.86 -3.83
CA TYR A 142 -6.72 10.86 -3.63
C TYR A 142 -7.05 10.96 -2.15
N ALA A 143 -8.17 11.61 -1.86
CA ALA A 143 -8.69 11.64 -0.51
C ALA A 143 -10.20 11.76 -0.58
N THR A 144 -10.88 11.15 0.40
CA THR A 144 -12.33 11.13 0.49
C THR A 144 -12.72 11.29 1.94
N ASP A 145 -13.68 12.14 2.23
CA ASP A 145 -14.12 12.39 3.60
C ASP A 145 -15.04 11.30 4.13
N GLU A 146 -15.21 10.18 3.45
CA GLU A 146 -16.17 9.17 3.90
C GLU A 146 -15.68 8.46 5.16
N THR A 147 -14.40 8.48 5.46
CA THR A 147 -13.83 7.98 6.71
C THR A 147 -12.95 9.06 7.32
N GLU A 148 -12.70 8.96 8.63
CA GLU A 148 -11.88 9.97 9.30
C GLU A 148 -10.49 10.04 8.70
N GLU A 149 -9.95 8.89 8.36
CA GLU A 149 -8.61 8.80 7.78
C GLU A 149 -8.58 9.13 6.29
N CYS A 150 -9.73 9.52 5.74
N CYS A 150 -9.70 9.51 5.70
CA CYS A 150 -9.84 10.06 4.40
CA CYS A 150 -9.72 10.04 4.35
C CYS A 150 -9.53 9.02 3.32
C CYS A 150 -9.52 9.00 3.28
N MET A 151 -9.93 7.78 3.56
CA MET A 151 -9.77 6.67 2.64
C MET A 151 -11.12 6.03 2.31
N PRO A 152 -11.20 5.33 1.18
CA PRO A 152 -12.44 4.60 0.87
C PRO A 152 -12.71 3.49 1.90
N LEU A 153 -13.97 3.36 2.29
CA LEU A 153 -14.35 2.33 3.25
C LEU A 153 -14.08 0.94 2.71
N THR A 154 -14.29 0.71 1.41
CA THR A 154 -14.07 -0.61 0.83
C THR A 154 -12.67 -1.13 1.16
N ILE A 155 -11.65 -0.31 0.92
CA ILE A 155 -10.27 -0.76 1.12
C ILE A 155 -9.92 -0.78 2.59
N VAL A 156 -10.40 0.17 3.39
CA VAL A 156 -10.16 0.15 4.83
C VAL A 156 -10.64 -1.16 5.42
N LEU A 157 -11.89 -1.54 5.12
CA LEU A 157 -12.42 -2.78 5.65
C LEU A 157 -11.65 -3.98 5.14
N ALA A 158 -11.28 -4.00 3.86
CA ALA A 158 -10.53 -5.12 3.33
C ALA A 158 -9.19 -5.28 4.06
N HIS A 159 -8.47 -4.19 4.29
CA HIS A 159 -7.21 -4.25 5.03
C HIS A 159 -7.44 -4.75 6.45
N LYS A 160 -8.46 -4.23 7.12
CA LYS A 160 -8.70 -4.60 8.49
C LYS A 160 -9.06 -6.07 8.64
N LEU A 161 -9.72 -6.66 7.65
CA LEU A 161 -10.00 -8.09 7.70
C LEU A 161 -8.70 -8.90 7.66
N ASN A 162 -7.75 -8.54 6.82
CA ASN A 162 -6.46 -9.21 6.80
C ASN A 162 -5.71 -9.00 8.10
N ALA A 163 -5.74 -7.79 8.67
CA ALA A 163 -5.05 -7.54 9.92
C ALA A 163 -5.64 -8.37 11.04
N LYS A 164 -6.95 -8.54 11.04
CA LYS A 164 -7.59 -9.35 12.06
C LYS A 164 -7.17 -10.81 11.94
N LEU A 165 -7.08 -11.35 10.72
CA LEU A 165 -6.56 -12.71 10.54
C LEU A 165 -5.17 -12.83 11.15
N ALA A 166 -4.29 -11.89 10.86
CA ALA A 166 -2.93 -11.99 11.39
C ALA A 166 -2.94 -11.90 12.91
N GLU A 167 -3.79 -11.05 13.47
CA GLU A 167 -3.89 -10.92 14.92
C GLU A 167 -4.29 -12.25 15.55
N LEU A 168 -5.31 -12.91 15.01
CA LEU A 168 -5.83 -14.14 15.59
C LEU A 168 -4.92 -15.33 15.33
N ARG A 169 -4.12 -15.27 14.27
CA ARG A 169 -3.04 -16.23 14.07
C ARG A 169 -1.97 -16.04 15.14
N ARG A 170 -1.52 -14.81 15.32
CA ARG A 170 -0.41 -14.56 16.24
C ARG A 170 -0.80 -14.74 17.71
N ASN A 171 -2.06 -14.51 18.08
CA ASN A 171 -2.44 -14.67 19.48
C ASN A 171 -2.88 -16.08 19.81
N GLY A 172 -2.87 -16.98 18.83
CA GLY A 172 -3.13 -18.37 19.06
C GLY A 172 -4.57 -18.77 19.16
N THR A 173 -5.54 -17.84 19.00
N THR A 173 -5.49 -17.86 18.97
CA THR A 173 -6.92 -18.27 19.14
CA THR A 173 -6.88 -18.28 19.14
C THR A 173 -7.41 -19.04 17.91
C THR A 173 -7.41 -19.01 17.91
N LEU A 174 -6.85 -18.79 16.72
CA LEU A 174 -7.16 -19.56 15.52
C LEU A 174 -5.85 -20.14 15.00
N PRO A 175 -5.30 -21.16 15.69
CA PRO A 175 -3.94 -21.60 15.39
C PRO A 175 -3.81 -22.34 14.07
N TRP A 176 -4.92 -22.69 13.43
CA TRP A 176 -4.90 -23.27 12.08
C TRP A 176 -4.63 -22.26 10.99
N LEU A 177 -4.64 -20.96 11.30
CA LEU A 177 -4.39 -19.96 10.28
C LEU A 177 -2.92 -19.96 9.88
N ARG A 178 -2.66 -19.58 8.64
N ARG A 178 -2.65 -19.68 8.61
CA ARG A 178 -1.33 -19.39 8.09
CA ARG A 178 -1.32 -19.41 8.09
C ARG A 178 -1.27 -18.00 7.46
C ARG A 178 -1.25 -17.98 7.57
N PRO A 179 -0.07 -17.52 7.12
CA PRO A 179 0.09 -16.08 6.82
C PRO A 179 -0.52 -15.54 5.53
N ASP A 180 -0.78 -16.39 4.54
CA ASP A 180 -1.26 -15.95 3.22
C ASP A 180 -2.77 -15.79 3.24
N SER A 181 -3.27 -14.60 2.94
CA SER A 181 -4.71 -14.33 2.92
C SER A 181 -5.03 -13.27 1.88
N LYS A 182 -6.28 -13.28 1.46
CA LYS A 182 -6.86 -12.24 0.60
C LYS A 182 -8.28 -11.97 1.06
N THR A 183 -8.73 -10.73 0.92
CA THR A 183 -10.08 -10.31 1.27
C THR A 183 -10.60 -9.37 0.20
N GLN A 184 -11.92 -9.23 0.12
CA GLN A 184 -12.53 -8.36 -0.87
C GLN A 184 -13.86 -7.88 -0.32
N VAL A 185 -14.15 -6.60 -0.45
CA VAL A 185 -15.35 -6.00 0.14
C VAL A 185 -16.04 -5.14 -0.90
N THR A 186 -17.32 -5.38 -1.08
CA THR A 186 -18.18 -4.54 -1.93
C THR A 186 -19.14 -3.78 -1.05
N VAL A 187 -19.15 -2.46 -1.19
CA VAL A 187 -20.01 -1.56 -0.44
C VAL A 187 -20.96 -0.85 -1.38
N GLN A 188 -22.19 -0.68 -0.93
CA GLN A 188 -23.16 0.17 -1.59
C GLN A 188 -23.06 1.57 -1.01
N TYR A 189 -22.93 2.56 -1.88
CA TYR A 189 -22.78 3.96 -1.52
C TYR A 189 -23.94 4.81 -2.02
N MET A 190 -24.25 5.85 -1.26
N MET A 190 -24.22 5.87 -1.28
CA MET A 190 -25.12 6.91 -1.73
CA MET A 190 -25.14 6.94 -1.67
C MET A 190 -24.29 8.06 -2.27
C MET A 190 -24.34 8.10 -2.22
N GLN A 191 -24.70 8.58 -3.40
CA GLN A 191 -24.15 9.82 -3.94
C GLN A 191 -24.56 11.00 -3.07
N ASP A 192 -23.63 11.92 -2.82
CA ASP A 192 -23.90 13.09 -1.99
C ASP A 192 -23.11 14.28 -2.51
N ARG A 193 -23.61 14.91 -3.58
CA ARG A 193 -23.05 16.16 -4.10
C ARG A 193 -21.58 16.00 -4.44
N GLY A 194 -21.24 14.87 -5.05
CA GLY A 194 -19.90 14.53 -5.48
C GLY A 194 -19.16 13.67 -4.48
N ALA A 195 -19.48 13.79 -3.21
CA ALA A 195 -18.98 12.90 -2.18
C ALA A 195 -19.78 11.62 -2.18
N VAL A 196 -19.33 10.67 -1.36
CA VAL A 196 -20.01 9.39 -1.23
C VAL A 196 -20.23 9.03 0.23
N LEU A 197 -21.34 8.33 0.49
CA LEU A 197 -21.73 7.93 1.85
C LEU A 197 -21.95 6.42 1.85
N PRO A 198 -21.23 5.66 2.65
CA PRO A 198 -21.46 4.19 2.70
C PRO A 198 -22.82 3.87 3.29
N ILE A 199 -23.52 2.93 2.68
CA ILE A 199 -24.83 2.45 3.13
C ILE A 199 -24.74 1.07 3.75
N ARG A 200 -24.16 0.11 3.04
CA ARG A 200 -24.18 -1.27 3.49
C ARG A 200 -23.08 -2.02 2.78
N VAL A 201 -22.70 -3.13 3.38
CA VAL A 201 -21.78 -4.10 2.79
C VAL A 201 -22.59 -5.13 2.03
N HIS A 202 -22.33 -5.23 0.74
CA HIS A 202 -23.04 -6.09 -0.19
C HIS A 202 -22.47 -7.50 -0.25
N THR A 203 -21.14 -7.64 -0.33
CA THR A 203 -20.45 -8.92 -0.44
C THR A 203 -19.10 -8.82 0.25
N ILE A 204 -18.72 -9.90 0.94
CA ILE A 204 -17.37 -10.07 1.50
C ILE A 204 -16.82 -11.40 1.01
N VAL A 205 -15.57 -11.39 0.55
CA VAL A 205 -14.80 -12.59 0.25
C VAL A 205 -13.64 -12.66 1.23
N ILE A 206 -13.37 -13.84 1.80
CA ILE A 206 -12.14 -14.09 2.55
C ILE A 206 -11.61 -15.45 2.16
N SER A 207 -10.34 -15.50 1.76
CA SER A 207 -9.60 -16.73 1.55
C SER A 207 -8.33 -16.67 2.39
N VAL A 208 -8.07 -17.71 3.18
CA VAL A 208 -6.87 -17.74 4.01
C VAL A 208 -6.28 -19.14 4.08
N GLN A 209 -4.95 -19.20 3.97
CA GLN A 209 -4.23 -20.46 4.07
C GLN A 209 -4.43 -21.05 5.46
N HIS A 210 -4.50 -22.38 5.50
CA HIS A 210 -4.84 -23.07 6.73
C HIS A 210 -4.13 -24.42 6.83
N ASP A 211 -4.14 -24.99 8.03
CA ASP A 211 -3.51 -26.26 8.28
C ASP A 211 -4.36 -27.41 7.73
N GLU A 212 -3.76 -28.59 7.70
N GLU A 212 -3.75 -28.59 7.72
CA GLU A 212 -4.40 -29.76 7.10
CA GLU A 212 -4.33 -29.78 7.13
C GLU A 212 -5.55 -30.30 7.95
C GLU A 212 -5.38 -30.44 7.99
N GLU A 213 -5.55 -30.01 9.23
CA GLU A 213 -6.50 -30.62 10.16
C GLU A 213 -7.86 -29.96 10.23
N VAL A 214 -7.96 -28.62 10.13
CA VAL A 214 -9.21 -27.93 10.38
C VAL A 214 -10.19 -28.16 9.24
N CYS A 215 -11.47 -28.33 9.57
CA CYS A 215 -12.47 -28.51 8.52
C CYS A 215 -13.09 -27.21 8.04
N LEU A 216 -13.69 -27.31 6.87
CA LEU A 216 -14.25 -26.15 6.20
C LEU A 216 -15.32 -25.47 7.04
N ASP A 217 -16.19 -26.24 7.68
CA ASP A 217 -17.25 -25.62 8.46
C ASP A 217 -16.70 -24.85 9.66
N GLU A 218 -15.70 -25.42 10.32
CA GLU A 218 -15.07 -24.70 11.42
C GLU A 218 -14.46 -23.40 10.95
N MET A 219 -13.81 -23.41 9.79
CA MET A 219 -13.20 -22.20 9.28
C MET A 219 -14.24 -21.16 8.90
N ARG A 220 -15.31 -21.58 8.21
N ARG A 220 -15.31 -21.58 8.21
CA ARG A 220 -16.31 -20.62 7.77
CA ARG A 220 -16.31 -20.61 7.77
C ARG A 220 -17.02 -19.98 8.96
C ARG A 220 -17.03 -19.98 8.96
N ASP A 221 -17.34 -20.76 9.98
CA ASP A 221 -17.95 -20.22 11.18
C ASP A 221 -17.02 -19.22 11.85
N ALA A 222 -15.74 -19.55 11.98
CA ALA A 222 -14.79 -18.64 12.60
C ALA A 222 -14.61 -17.36 11.80
N LEU A 223 -14.53 -17.48 10.49
CA LEU A 223 -14.34 -16.29 9.68
C LEU A 223 -15.52 -15.33 9.82
N LYS A 224 -16.73 -15.84 9.94
N LYS A 224 -16.74 -15.86 9.95
CA LYS A 224 -17.87 -14.96 10.14
CA LYS A 224 -17.87 -14.97 10.13
C LYS A 224 -17.87 -14.38 11.54
C LYS A 224 -17.90 -14.38 11.54
N GLU A 225 -17.77 -15.23 12.56
CA GLU A 225 -18.00 -14.79 13.94
C GLU A 225 -16.82 -14.08 14.55
N LYS A 226 -15.60 -14.51 14.25
N LYS A 226 -15.59 -14.50 14.25
CA LYS A 226 -14.40 -13.99 14.89
CA LYS A 226 -14.41 -13.95 14.92
C LYS A 226 -13.64 -12.98 14.06
C LYS A 226 -13.62 -13.00 14.06
N VAL A 227 -13.87 -12.96 12.76
CA VAL A 227 -13.16 -12.06 11.87
C VAL A 227 -14.12 -10.98 11.39
N ILE A 228 -15.13 -11.34 10.59
CA ILE A 228 -16.02 -10.32 10.04
C ILE A 228 -16.71 -9.55 11.15
N LYS A 229 -17.32 -10.24 12.11
CA LYS A 229 -18.05 -9.50 13.14
C LYS A 229 -17.15 -8.67 14.02
N ALA A 230 -15.86 -9.00 14.12
CA ALA A 230 -14.93 -8.22 14.91
C ALA A 230 -14.37 -7.02 14.16
N VAL A 231 -14.67 -6.87 12.88
CA VAL A 231 -14.14 -5.82 12.03
C VAL A 231 -15.24 -4.91 11.46
N VAL A 232 -16.27 -5.48 10.88
CA VAL A 232 -17.26 -4.73 10.11
C VAL A 232 -18.41 -4.35 11.04
N PRO A 233 -18.73 -3.08 11.20
CA PRO A 233 -19.86 -2.68 12.04
C PRO A 233 -21.15 -3.38 11.61
N ALA A 234 -21.89 -3.84 12.60
CA ALA A 234 -23.12 -4.57 12.34
C ALA A 234 -24.12 -3.75 11.54
N LYS A 235 -24.11 -2.43 11.67
CA LYS A 235 -25.04 -1.58 10.92
C LYS A 235 -24.87 -1.72 9.42
N TYR A 236 -23.72 -2.21 8.94
CA TYR A 236 -23.52 -2.38 7.51
C TYR A 236 -23.87 -3.77 7.02
N LEU A 237 -24.15 -4.71 7.91
CA LEU A 237 -24.39 -6.10 7.55
C LEU A 237 -25.86 -6.41 7.72
N ASP A 238 -26.47 -7.13 6.78
CA ASP A 238 -27.88 -7.47 6.88
C ASP A 238 -28.11 -8.86 6.33
N GLU A 239 -29.37 -9.29 6.32
N GLU A 239 -29.38 -9.29 6.31
CA GLU A 239 -29.65 -10.67 5.91
CA GLU A 239 -29.67 -10.65 5.91
C GLU A 239 -29.37 -10.90 4.44
C GLU A 239 -29.36 -10.90 4.44
N ASP A 240 -29.20 -9.84 3.66
CA ASP A 240 -28.87 -9.97 2.24
C ASP A 240 -27.38 -9.94 1.92
N THR A 241 -26.53 -9.59 2.88
CA THR A 241 -25.10 -9.56 2.61
C THR A 241 -24.65 -10.95 2.20
N ILE A 242 -23.84 -11.00 1.17
CA ILE A 242 -23.31 -12.26 0.62
C ILE A 242 -21.92 -12.51 1.15
N TYR A 243 -21.68 -13.72 1.63
CA TYR A 243 -20.39 -14.12 2.17
C TYR A 243 -19.80 -15.24 1.35
N HIS A 244 -18.58 -15.08 0.88
CA HIS A 244 -17.80 -16.12 0.20
C HIS A 244 -16.57 -16.36 1.07
N LEU A 245 -16.67 -17.35 1.96
CA LEU A 245 -15.63 -17.62 2.96
C LEU A 245 -15.00 -18.96 2.61
N GLN A 246 -13.69 -18.97 2.45
CA GLN A 246 -12.99 -20.11 1.90
C GLN A 246 -13.68 -20.66 0.65
N PRO A 247 -13.97 -19.81 -0.34
CA PRO A 247 -14.77 -20.26 -1.49
C PRO A 247 -14.07 -21.30 -2.36
N SER A 248 -12.74 -21.41 -2.31
CA SER A 248 -12.07 -22.47 -3.06
C SER A 248 -12.25 -23.84 -2.42
N GLY A 249 -12.66 -23.91 -1.16
CA GLY A 249 -12.83 -25.15 -0.45
C GLY A 249 -11.60 -25.71 0.23
N ARG A 250 -10.40 -25.36 -0.21
CA ARG A 250 -9.17 -25.91 0.37
C ARG A 250 -8.03 -24.99 -0.02
N PHE A 251 -7.25 -24.58 0.98
CA PHE A 251 -6.14 -23.63 0.81
C PHE A 251 -5.07 -24.04 1.83
N VAL A 252 -4.53 -25.25 1.68
CA VAL A 252 -3.45 -25.71 2.53
C VAL A 252 -2.11 -25.28 1.98
N ILE A 253 -1.88 -25.48 0.67
CA ILE A 253 -0.72 -24.96 -0.03
C ILE A 253 -0.91 -23.46 -0.20
N GLY A 254 0.06 -22.69 0.22
CA GLY A 254 -0.04 -21.24 0.13
C GLY A 254 1.32 -20.60 0.20
N GLY A 255 1.34 -19.30 0.36
CA GLY A 255 2.57 -18.57 0.26
C GLY A 255 3.20 -18.73 -1.12
N PRO A 256 4.52 -18.50 -1.22
CA PRO A 256 5.20 -18.65 -2.53
C PRO A 256 5.06 -20.01 -3.16
N GLN A 257 4.87 -21.04 -2.36
CA GLN A 257 4.65 -22.37 -2.91
C GLN A 257 3.38 -22.44 -3.74
N GLY A 258 2.33 -21.74 -3.33
CA GLY A 258 1.08 -21.74 -4.09
C GLY A 258 1.05 -20.81 -5.28
N ASP A 259 1.85 -19.76 -5.27
CA ASP A 259 1.75 -18.69 -6.27
C ASP A 259 3.00 -17.85 -6.18
N ALA A 260 3.68 -17.61 -7.29
CA ALA A 260 4.87 -16.77 -7.26
C ALA A 260 4.51 -15.36 -6.82
N GLY A 261 5.39 -14.72 -6.08
CA GLY A 261 5.25 -13.32 -5.70
C GLY A 261 6.31 -12.47 -6.36
N LEU A 262 5.97 -11.21 -6.62
CA LEU A 262 6.88 -10.20 -7.12
C LEU A 262 6.61 -8.88 -6.43
N THR A 263 7.65 -8.07 -6.24
CA THR A 263 7.45 -6.70 -5.78
C THR A 263 6.62 -5.91 -6.77
N GLY A 264 5.75 -5.06 -6.26
CA GLY A 264 5.02 -4.12 -7.10
C GLY A 264 3.90 -4.72 -7.90
N ARG A 265 3.30 -5.81 -7.42
CA ARG A 265 2.17 -6.47 -8.04
C ARG A 265 0.88 -6.30 -7.22
N LYS A 266 0.90 -5.42 -6.24
CA LYS A 266 -0.27 -5.10 -5.43
C LYS A 266 -0.43 -3.59 -5.34
N ILE A 267 -0.29 -2.89 -6.45
CA ILE A 267 -0.21 -1.43 -6.40
C ILE A 267 -1.54 -0.78 -6.08
N ILE A 268 -2.64 -1.46 -6.40
CA ILE A 268 -3.98 -0.95 -6.11
C ILE A 268 -4.34 -1.23 -4.64
N VAL A 269 -3.96 -2.39 -4.10
CA VAL A 269 -4.03 -2.66 -2.66
C VAL A 269 -3.21 -1.64 -1.88
N ASP A 270 -2.07 -1.21 -2.43
CA ASP A 270 -1.18 -0.30 -1.74
C ASP A 270 -1.72 1.12 -1.65
N THR A 271 -2.70 1.45 -2.48
CA THR A 271 -3.17 2.83 -2.66
C THR A 271 -4.62 2.94 -2.25
N TYR A 272 -5.57 2.97 -3.19
CA TYR A 272 -6.93 3.40 -2.94
C TYR A 272 -7.94 2.32 -3.28
N GLY A 273 -7.53 1.08 -3.53
CA GLY A 273 -8.50 0.04 -3.79
C GLY A 273 -9.32 0.25 -5.03
N GLY A 274 -8.78 0.96 -6.01
CA GLY A 274 -9.43 1.17 -7.27
C GLY A 274 -10.07 2.54 -7.40
N TRP A 275 -10.31 3.22 -6.28
CA TRP A 275 -10.82 4.57 -6.30
C TRP A 275 -9.74 5.54 -6.77
N GLY A 276 -10.14 6.76 -7.09
CA GLY A 276 -9.18 7.76 -7.51
C GLY A 276 -8.62 7.43 -8.86
N ALA A 277 -7.31 7.20 -8.94
CA ALA A 277 -6.63 6.76 -10.17
C ALA A 277 -5.24 6.30 -9.77
N HIS A 278 -4.57 5.62 -10.69
CA HIS A 278 -3.21 5.12 -10.45
C HIS A 278 -2.39 5.29 -11.72
N GLY A 279 -1.14 5.73 -11.54
CA GLY A 279 -0.24 5.92 -12.67
C GLY A 279 0.65 4.76 -13.02
N GLY A 280 0.61 3.66 -12.26
CA GLY A 280 1.28 2.43 -12.61
C GLY A 280 2.54 2.14 -11.83
N GLY A 281 3.11 3.12 -11.15
CA GLY A 281 4.39 2.90 -10.47
C GLY A 281 4.22 2.19 -9.13
N ALA A 282 5.14 1.29 -8.83
CA ALA A 282 5.18 0.58 -7.56
C ALA A 282 6.00 1.38 -6.55
N PHE A 283 5.75 1.14 -5.27
CA PHE A 283 6.40 1.88 -4.19
C PHE A 283 7.62 1.17 -3.62
N SER A 284 7.50 -0.14 -3.33
CA SER A 284 8.47 -0.76 -2.43
C SER A 284 9.82 -0.98 -3.08
N GLY A 285 10.86 -0.89 -2.25
CA GLY A 285 12.22 -1.08 -2.71
C GLY A 285 12.91 0.14 -3.28
N LYS A 286 12.28 1.31 -3.21
CA LYS A 286 12.76 2.51 -3.88
C LYS A 286 13.01 3.64 -2.89
N ASP A 287 14.16 4.31 -3.04
CA ASP A 287 14.46 5.51 -2.29
C ASP A 287 13.73 6.72 -2.87
N TYR A 288 13.86 7.85 -2.16
CA TYR A 288 13.02 9.01 -2.45
C TYR A 288 13.23 9.62 -3.82
N THR A 289 14.38 9.39 -4.45
CA THR A 289 14.58 9.96 -5.77
C THR A 289 13.68 9.31 -6.81
N LYS A 290 13.10 8.16 -6.50
CA LYS A 290 12.15 7.50 -7.39
C LYS A 290 10.79 8.10 -7.10
N VAL A 291 10.36 9.00 -8.00
CA VAL A 291 9.11 9.74 -7.84
C VAL A 291 7.88 8.86 -7.87
N ASP A 292 7.99 7.63 -8.38
CA ASP A 292 6.87 6.69 -8.25
C ASP A 292 6.39 6.60 -6.81
N ARG A 293 7.33 6.63 -5.87
CA ARG A 293 7.00 6.62 -4.47
C ARG A 293 6.84 8.05 -3.90
N SER A 294 7.90 8.84 -3.95
CA SER A 294 7.86 10.14 -3.27
C SER A 294 6.77 11.06 -3.79
N ALA A 295 6.54 11.09 -5.10
CA ALA A 295 5.51 11.98 -5.62
C ALA A 295 4.13 11.46 -5.36
N ALA A 296 3.92 10.14 -5.34
CA ALA A 296 2.62 9.60 -4.93
C ALA A 296 2.34 9.89 -3.48
N TYR A 297 3.35 9.78 -2.61
CA TYR A 297 3.16 10.15 -1.22
C TYR A 297 2.84 11.63 -1.09
N ALA A 298 3.55 12.47 -1.83
CA ALA A 298 3.28 13.90 -1.75
C ALA A 298 1.90 14.22 -2.31
N ALA A 299 1.47 13.51 -3.36
CA ALA A 299 0.15 13.76 -3.92
C ALA A 299 -0.95 13.36 -2.96
N ARG A 300 -0.78 12.26 -2.22
CA ARG A 300 -1.68 11.89 -1.14
C ARG A 300 -1.73 13.00 -0.10
N TRP A 301 -0.56 13.51 0.27
CA TRP A 301 -0.46 14.57 1.27
C TRP A 301 -1.22 15.81 0.83
N VAL A 302 -1.08 16.20 -0.44
CA VAL A 302 -1.84 17.32 -0.98
C VAL A 302 -3.33 17.04 -0.90
N ALA A 303 -3.76 15.89 -1.39
CA ALA A 303 -5.19 15.56 -1.41
C ALA A 303 -5.77 15.57 -0.01
N LYS A 304 -5.09 14.91 0.93
CA LYS A 304 -5.58 14.87 2.29
C LYS A 304 -5.60 16.25 2.92
N SER A 305 -4.62 17.09 2.59
CA SER A 305 -4.58 18.45 3.09
C SER A 305 -5.77 19.26 2.57
N LEU A 306 -6.17 19.05 1.32
CA LEU A 306 -7.31 19.76 0.77
C LEU A 306 -8.60 19.34 1.45
N VAL A 307 -8.76 18.06 1.75
CA VAL A 307 -9.98 17.60 2.41
C VAL A 307 -9.99 18.01 3.88
N LYS A 308 -8.90 17.79 4.61
CA LYS A 308 -8.88 18.15 6.02
C LYS A 308 -8.91 19.65 6.21
N GLY A 309 -8.49 20.41 5.23
CA GLY A 309 -8.55 21.85 5.27
C GLY A 309 -9.90 22.41 4.92
N GLY A 310 -10.87 21.56 4.62
CA GLY A 310 -12.22 22.01 4.34
C GLY A 310 -12.44 22.54 2.95
N LEU A 311 -11.52 22.36 2.02
CA LEU A 311 -11.71 22.90 0.71
C LEU A 311 -12.45 21.96 -0.21
N CYS A 312 -12.30 20.66 0.00
N CYS A 312 -12.52 20.71 0.13
CA CYS A 312 -12.95 19.61 -0.79
CA CYS A 312 -13.30 19.80 -0.67
C CYS A 312 -13.51 18.57 0.16
C CYS A 312 -13.52 18.54 0.13
N ARG A 313 -14.46 17.74 -0.33
CA ARG A 313 -14.83 16.50 0.34
C ARG A 313 -14.20 15.28 -0.31
N ARG A 314 -13.83 15.38 -1.58
CA ARG A 314 -13.31 14.28 -2.38
C ARG A 314 -12.44 14.92 -3.46
N VAL A 315 -11.24 14.42 -3.68
CA VAL A 315 -10.32 15.11 -4.57
C VAL A 315 -9.30 14.14 -5.12
N LEU A 316 -8.95 14.37 -6.38
CA LEU A 316 -7.94 13.64 -7.13
C LEU A 316 -6.92 14.66 -7.65
N VAL A 317 -5.64 14.30 -7.53
CA VAL A 317 -4.51 15.13 -7.94
C VAL A 317 -3.64 14.30 -8.87
N GLN A 318 -3.31 14.83 -10.05
CA GLN A 318 -2.31 14.17 -10.93
C GLN A 318 -1.08 15.04 -11.04
N VAL A 319 0.07 14.42 -10.92
N VAL A 319 0.08 14.41 -10.96
CA VAL A 319 1.36 15.03 -11.21
CA VAL A 319 1.39 15.03 -11.14
C VAL A 319 2.10 14.12 -12.17
C VAL A 319 2.23 14.10 -11.99
N SER A 320 3.14 14.67 -12.80
CA SER A 320 3.98 13.86 -13.70
C SER A 320 5.36 14.49 -13.78
N TYR A 321 6.32 13.69 -14.23
CA TYR A 321 7.72 14.06 -14.23
C TYR A 321 8.40 13.55 -15.49
N ALA A 322 9.54 14.17 -15.81
CA ALA A 322 10.50 13.64 -16.77
C ALA A 322 11.79 13.31 -16.03
N ILE A 323 12.44 12.19 -16.38
CA ILE A 323 13.71 11.83 -15.75
C ILE A 323 14.69 12.99 -15.89
N GLY A 324 15.37 13.33 -14.80
CA GLY A 324 16.36 14.36 -14.80
C GLY A 324 15.86 15.76 -14.56
N VAL A 325 14.55 15.97 -14.54
CA VAL A 325 13.94 17.29 -14.38
C VAL A 325 13.31 17.33 -12.99
N SER A 326 13.60 18.36 -12.21
N SER A 326 13.61 18.38 -12.23
CA SER A 326 13.17 18.37 -10.82
CA SER A 326 13.19 18.46 -10.83
C SER A 326 11.69 18.72 -10.65
C SER A 326 11.70 18.71 -10.69
N HIS A 327 11.20 19.79 -11.31
CA HIS A 327 9.81 20.19 -11.10
C HIS A 327 8.85 19.27 -11.86
N PRO A 328 7.66 19.02 -11.30
CA PRO A 328 6.66 18.30 -12.08
C PRO A 328 6.36 19.03 -13.38
N LEU A 329 6.04 18.23 -14.40
CA LEU A 329 5.68 18.76 -15.72
C LEU A 329 4.35 19.49 -15.69
N SER A 330 3.43 19.06 -14.84
CA SER A 330 2.16 19.74 -14.63
C SER A 330 1.52 19.09 -13.40
N ILE A 331 0.56 19.82 -12.88
CA ILE A 331 -0.25 19.42 -11.75
C ILE A 331 -1.70 19.74 -12.12
N SER A 332 -2.62 18.84 -11.76
CA SER A 332 -4.05 19.08 -11.98
C SER A 332 -4.83 18.56 -10.78
N ILE A 333 -5.94 19.22 -10.49
CA ILE A 333 -6.81 18.92 -9.35
C ILE A 333 -8.25 18.74 -9.83
N PHE A 334 -8.90 17.63 -9.45
CA PHE A 334 -10.32 17.37 -9.77
C PHE A 334 -11.05 17.17 -8.46
N HIS A 335 -12.10 17.96 -8.21
CA HIS A 335 -12.76 17.93 -6.91
C HIS A 335 -14.13 17.26 -6.93
N TYR A 336 -14.53 16.65 -8.05
CA TYR A 336 -15.76 15.87 -8.14
C TYR A 336 -17.00 16.69 -7.86
N GLY A 337 -16.91 18.03 -7.93
CA GLY A 337 -18.02 18.88 -7.59
C GLY A 337 -18.15 19.18 -6.11
N THR A 338 -17.14 18.89 -5.30
CA THR A 338 -17.22 18.99 -3.84
C THR A 338 -16.52 20.21 -3.28
N SER A 339 -16.06 21.13 -4.11
CA SER A 339 -15.48 22.39 -3.66
C SER A 339 -16.28 23.56 -4.21
N GLN A 340 -16.38 24.64 -3.42
CA GLN A 340 -16.87 25.90 -3.95
C GLN A 340 -15.79 26.62 -4.74
N LYS A 341 -14.52 26.27 -4.57
CA LYS A 341 -13.45 26.84 -5.35
C LYS A 341 -13.34 26.15 -6.70
N SER A 342 -12.91 26.92 -7.68
CA SER A 342 -12.69 26.35 -8.99
C SER A 342 -11.40 25.51 -8.99
N GLU A 343 -11.24 24.70 -10.05
CA GLU A 343 -10.01 23.95 -10.24
C GLU A 343 -8.80 24.87 -10.35
N ARG A 344 -8.94 26.02 -11.03
CA ARG A 344 -7.86 26.99 -11.11
C ARG A 344 -7.49 27.48 -9.73
N GLU A 345 -8.50 27.79 -8.91
CA GLU A 345 -8.21 28.29 -7.57
C GLU A 345 -7.54 27.25 -6.72
N LEU A 346 -7.99 26.00 -6.80
CA LEU A 346 -7.36 24.96 -6.00
C LEU A 346 -5.91 24.76 -6.44
N LEU A 347 -5.66 24.80 -7.74
CA LEU A 347 -4.29 24.66 -8.22
C LEU A 347 -3.41 25.78 -7.70
N GLU A 348 -3.91 27.02 -7.70
N GLU A 348 -3.92 27.03 -7.71
CA GLU A 348 -3.13 28.13 -7.16
CA GLU A 348 -3.14 28.13 -7.16
C GLU A 348 -2.80 27.90 -5.69
C GLU A 348 -2.81 27.90 -5.70
N ILE A 349 -3.78 27.41 -4.92
CA ILE A 349 -3.54 27.11 -3.51
C ILE A 349 -2.47 26.04 -3.37
N VAL A 350 -2.55 24.99 -4.18
CA VAL A 350 -1.55 23.94 -4.12
C VAL A 350 -0.18 24.48 -4.46
N LYS A 351 -0.07 25.26 -5.55
CA LYS A 351 1.24 25.78 -5.95
C LYS A 351 1.83 26.70 -4.91
N LYS A 352 1.00 27.45 -4.19
CA LYS A 352 1.49 28.35 -3.16
C LYS A 352 1.93 27.64 -1.90
N ASN A 353 1.43 26.44 -1.66
CA ASN A 353 1.67 25.74 -0.40
C ASN A 353 2.57 24.52 -0.50
N PHE A 354 2.82 24.00 -1.70
CA PHE A 354 3.59 22.78 -1.85
C PHE A 354 4.65 22.97 -2.93
N ASP A 355 5.76 22.28 -2.76
CA ASP A 355 6.85 22.24 -3.73
C ASP A 355 7.13 20.76 -3.97
N LEU A 356 6.78 20.28 -5.15
CA LEU A 356 6.78 18.84 -5.47
C LEU A 356 8.02 18.41 -6.22
N ARG A 357 9.12 19.15 -6.10
CA ARG A 357 10.41 18.61 -6.49
C ARG A 357 10.77 17.48 -5.52
N PRO A 358 11.35 16.37 -6.02
CA PRO A 358 11.71 15.29 -5.09
C PRO A 358 12.69 15.71 -4.02
N GLY A 359 13.60 16.60 -4.33
CA GLY A 359 14.55 17.05 -3.33
C GLY A 359 14.01 18.02 -2.34
N VAL A 360 12.75 18.42 -2.47
CA VAL A 360 12.04 19.14 -1.43
C VAL A 360 11.05 18.23 -0.70
N ILE A 361 10.35 17.38 -1.44
CA ILE A 361 9.51 16.36 -0.81
C ILE A 361 10.27 15.58 0.25
N VAL A 362 11.52 15.22 -0.04
CA VAL A 362 12.30 14.42 0.92
C VAL A 362 12.41 15.12 2.26
N ARG A 363 12.56 16.44 2.26
CA ARG A 363 12.63 17.20 3.49
C ARG A 363 11.27 17.29 4.17
N ASP A 364 10.23 17.60 3.41
CA ASP A 364 8.91 17.76 4.01
C ASP A 364 8.39 16.47 4.60
N LEU A 365 8.65 15.35 3.95
CA LEU A 365 8.09 14.06 4.36
C LEU A 365 9.12 13.14 5.02
N ASP A 366 10.34 13.64 5.25
CA ASP A 366 11.39 12.93 5.99
C ASP A 366 11.73 11.58 5.36
N LEU A 367 11.90 11.58 4.05
CA LEU A 367 11.93 10.33 3.29
C LEU A 367 13.27 9.61 3.28
N LYS A 368 14.27 10.10 3.99
CA LYS A 368 15.46 9.30 4.24
C LYS A 368 15.32 8.43 5.48
N LYS A 369 14.23 8.54 6.21
N LYS A 369 14.23 8.57 6.22
CA LYS A 369 14.13 7.78 7.45
CA LYS A 369 14.05 7.77 7.44
C LYS A 369 13.65 6.34 7.17
C LYS A 369 13.73 6.33 7.06
N PRO A 370 14.28 5.35 7.81
CA PRO A 370 14.01 3.91 7.49
C PRO A 370 12.72 3.40 8.10
N ILE A 371 11.58 3.88 7.60
N ILE A 371 11.59 3.90 7.59
CA ILE A 371 10.27 3.45 8.06
CA ILE A 371 10.25 3.51 8.04
C ILE A 371 9.51 2.66 7.00
C ILE A 371 9.49 2.75 6.94
N TYR A 372 10.18 2.33 5.89
CA TYR A 372 9.46 1.83 4.74
C TYR A 372 8.89 0.43 4.93
N GLN A 373 9.56 -0.44 5.68
CA GLN A 373 8.97 -1.77 5.82
C GLN A 373 7.58 -1.68 6.43
N ARG A 374 7.36 -0.69 7.30
CA ARG A 374 6.04 -0.50 7.92
C ARG A 374 4.98 -0.11 6.92
N THR A 375 5.35 0.45 5.78
CA THR A 375 4.36 0.84 4.79
C THR A 375 3.90 -0.31 3.90
N ALA A 376 4.63 -1.43 3.88
CA ALA A 376 4.56 -2.42 2.82
C ALA A 376 3.50 -3.51 3.00
N ALA A 377 2.69 -3.42 4.05
CA ALA A 377 1.46 -4.21 4.16
C ALA A 377 0.36 -3.34 4.74
N TYR A 378 -0.87 -3.63 4.35
CA TYR A 378 -2.08 -2.95 4.85
C TYR A 378 -2.25 -1.54 4.28
N GLY A 379 -1.59 -1.24 3.18
CA GLY A 379 -1.74 0.02 2.47
C GLY A 379 -0.75 1.07 2.94
N HIS A 380 -0.35 1.93 2.01
CA HIS A 380 0.59 3.01 2.36
C HIS A 380 -0.08 4.24 2.91
N PHE A 381 -1.40 4.31 2.77
CA PHE A 381 -2.18 5.50 3.07
C PHE A 381 -3.25 5.19 4.09
N GLY A 382 -3.64 6.20 4.86
CA GLY A 382 -4.72 6.05 5.78
C GLY A 382 -4.38 5.49 7.13
N ARG A 383 -3.11 5.29 7.45
N ARG A 383 -3.12 5.39 7.49
CA ARG A 383 -2.78 4.74 8.75
CA ARG A 383 -2.86 4.84 8.82
C ARG A 383 -1.52 5.33 9.37
C ARG A 383 -1.54 5.34 9.38
N ASP A 384 -1.48 5.30 10.69
CA ASP A 384 -0.26 5.45 11.51
C ASP A 384 0.35 6.83 11.50
N SER A 385 -0.33 7.81 10.97
CA SER A 385 0.16 9.19 11.00
C SER A 385 1.58 9.32 10.45
N PHE A 386 1.86 8.60 9.35
CA PHE A 386 3.08 8.84 8.56
C PHE A 386 3.07 10.30 8.12
N PRO A 387 4.21 10.88 7.71
CA PRO A 387 4.21 12.32 7.41
C PRO A 387 3.23 12.73 6.33
N TRP A 388 3.01 11.91 5.33
CA TRP A 388 2.06 12.26 4.26
C TRP A 388 0.60 12.15 4.70
N GLU A 389 0.36 11.67 5.92
CA GLU A 389 -0.98 11.58 6.49
C GLU A 389 -1.27 12.71 7.45
N VAL A 390 -0.30 13.58 7.74
CA VAL A 390 -0.47 14.72 8.63
C VAL A 390 -0.72 15.93 7.74
N PRO A 391 -1.93 16.47 7.71
CA PRO A 391 -2.22 17.51 6.72
C PRO A 391 -1.39 18.76 6.94
N LYS A 392 -1.05 19.43 5.85
CA LYS A 392 -0.42 20.74 5.92
C LYS A 392 -1.49 21.80 6.07
N LYS A 393 -1.25 22.76 6.97
CA LYS A 393 -2.15 23.89 7.12
C LYS A 393 -1.93 24.83 5.95
N LEU A 394 -2.98 25.12 5.22
CA LEU A 394 -2.87 25.82 3.96
C LEU A 394 -3.08 27.32 4.14
N LYS A 395 -2.26 28.11 3.46
CA LYS A 395 -2.37 29.56 3.47
C LYS A 395 -2.90 30.03 2.13
N TYR A 396 -3.94 30.85 2.17
CA TYR A 396 -4.52 31.42 0.97
C TYR A 396 -5.52 32.50 1.37
#